data_1JHM
#
_entry.id   1JHM
#
_cell.length_a   71.820
_cell.length_b   90.050
_cell.length_c   47.610
_cell.angle_alpha   90.00
_cell.angle_beta   90.00
_cell.angle_gamma   90.00
#
_symmetry.space_group_name_H-M   'P 21 21 2'
#
loop_
_entity.id
_entity.type
_entity.pdbx_description
1 polymer 'Nicotinate Mononucleotide:5,6-Dimethylbenzimidazole Phosphoribosyltransferase'
2 non-polymer 'PHOSPHATE ION'
3 non-polymer 5-METHYLBENZIMIDAZOLE
4 water water
#
_entity_poly.entity_id   1
_entity_poly.type   'polypeptide(L)'
_entity_poly.pdbx_seq_one_letter_code
;MQTLHALLRDIPAPDAEAMARTQQHIDGLLKPPGSLGRLETLAVQLAGMPGLNGTPQVGEKAVLVMCADHGVWDEGVAVS
PKIVTAIQAANMTRGTTGVCVLAAQAGAKVHVIDVGIDAEPIPGVVNMRVARGCGNIAVGPAMSRLQAEALLLEVSRYTC
DLAQRGVTLFGVGELGMANTTPAAAMVSVFTGSDAKEVVGIGANLPPSRIDNKVDVVRRAIAINQPNPRDGIDVLSKVGG
FDLVGMTGVMLGAARCGLPVLLDGFLSYSAALAACQIAPAVRPYLIPSHFSAEKGARIALAHLSMEPYLHMAMRLGEGSG
AALAMPIVEAACAMFHNMGELAASNIVLPEGNANAT
;
_entity_poly.pdbx_strand_id   A
#
# COMPACT_ATOMS: atom_id res chain seq x y z
N LEU A 4 -10.08 -13.36 -12.77
CA LEU A 4 -9.27 -13.09 -11.57
C LEU A 4 -8.12 -14.05 -11.40
N HIS A 5 -8.43 -15.32 -11.62
CA HIS A 5 -7.41 -16.33 -11.56
C HIS A 5 -6.49 -16.10 -12.75
N ALA A 6 -7.10 -15.64 -13.86
CA ALA A 6 -6.34 -15.32 -15.05
C ALA A 6 -5.33 -14.27 -14.69
N LEU A 7 -5.89 -13.21 -14.15
CA LEU A 7 -5.12 -12.09 -13.72
C LEU A 7 -3.92 -12.58 -12.92
N LEU A 8 -4.23 -13.29 -11.85
CA LEU A 8 -3.22 -13.84 -10.97
C LEU A 8 -2.21 -14.69 -11.70
N ARG A 9 -2.71 -15.44 -12.66
CA ARG A 9 -1.88 -16.33 -13.45
C ARG A 9 -0.77 -15.59 -14.17
N ASP A 10 -1.18 -14.49 -14.78
CA ASP A 10 -0.32 -13.66 -15.60
C ASP A 10 0.66 -12.72 -14.91
N ILE A 11 0.73 -12.71 -13.58
CA ILE A 11 1.70 -11.81 -12.97
C ILE A 11 3.08 -12.28 -13.39
N PRO A 12 3.82 -11.41 -14.07
CA PRO A 12 5.16 -11.75 -14.56
C PRO A 12 6.19 -11.80 -13.47
N ALA A 13 7.13 -12.70 -13.64
CA ALA A 13 8.25 -12.79 -12.72
C ALA A 13 9.21 -11.67 -13.12
N PRO A 14 10.11 -11.27 -12.22
CA PRO A 14 11.08 -10.22 -12.52
C PRO A 14 12.11 -10.68 -13.56
N ASP A 15 12.72 -9.69 -14.23
CA ASP A 15 13.69 -9.99 -15.25
C ASP A 15 15.11 -10.05 -14.72
N ALA A 16 15.57 -11.27 -14.49
CA ALA A 16 16.90 -11.46 -13.97
C ALA A 16 17.99 -10.97 -14.89
N GLU A 17 17.73 -11.00 -16.19
CA GLU A 17 18.72 -10.58 -17.15
C GLU A 17 18.92 -9.08 -17.02
N ALA A 18 17.78 -8.37 -16.89
CA ALA A 18 17.84 -6.94 -16.70
C ALA A 18 18.59 -6.61 -15.42
N MET A 19 18.32 -7.38 -14.36
CA MET A 19 18.94 -7.19 -13.07
C MET A 19 20.45 -7.42 -13.07
N ALA A 20 20.90 -8.37 -13.87
CA ALA A 20 22.31 -8.62 -13.96
C ALA A 20 22.98 -7.44 -14.66
N ARG A 21 22.36 -6.93 -15.70
CA ARG A 21 22.96 -5.82 -16.39
C ARG A 21 22.96 -4.56 -15.53
N THR A 22 21.93 -4.40 -14.74
CA THR A 22 21.88 -3.23 -13.89
C THR A 22 22.99 -3.22 -12.85
N GLN A 23 23.12 -4.39 -12.22
CA GLN A 23 24.09 -4.54 -11.18
C GLN A 23 25.47 -4.20 -11.69
N GLN A 24 25.85 -4.85 -12.77
CA GLN A 24 27.16 -4.59 -13.37
C GLN A 24 27.40 -3.10 -13.59
N HIS A 25 26.41 -2.43 -14.16
CA HIS A 25 26.51 -1.02 -14.46
C HIS A 25 26.76 -0.19 -13.20
N ILE A 26 25.96 -0.49 -12.20
CA ILE A 26 26.07 0.19 -10.94
C ILE A 26 27.44 -0.05 -10.34
N ASP A 27 27.99 -1.22 -10.57
CA ASP A 27 29.26 -1.51 -9.98
C ASP A 27 30.37 -0.66 -10.56
N GLY A 28 30.19 -0.25 -11.82
CA GLY A 28 31.18 0.59 -12.52
C GLY A 28 31.07 2.11 -12.30
N LEU A 29 30.08 2.56 -11.55
CA LEU A 29 29.91 3.98 -11.34
C LEU A 29 31.02 4.56 -10.46
N LEU A 30 31.19 5.88 -10.51
CA LEU A 30 32.19 6.62 -9.73
C LEU A 30 32.02 6.56 -8.19
N LYS A 31 32.26 5.40 -7.62
CA LYS A 31 32.15 5.23 -6.18
C LYS A 31 32.67 3.86 -5.83
N PRO A 32 32.96 3.67 -4.52
CA PRO A 32 33.38 2.37 -4.04
C PRO A 32 32.15 1.50 -4.16
N PRO A 33 32.39 0.30 -4.63
CA PRO A 33 31.31 -0.64 -4.82
C PRO A 33 30.53 -0.85 -3.56
N GLY A 34 29.21 -0.80 -3.74
CA GLY A 34 28.24 -0.99 -2.70
C GLY A 34 28.07 0.21 -1.80
N SER A 35 28.83 1.30 -2.04
CA SER A 35 28.77 2.49 -1.19
C SER A 35 27.44 3.21 -1.10
N LEU A 36 26.63 3.09 -2.12
CA LEU A 36 25.36 3.78 -2.12
C LEU A 36 24.22 2.91 -1.53
N GLY A 37 24.63 1.77 -1.02
CA GLY A 37 23.79 0.78 -0.33
C GLY A 37 22.42 0.48 -0.89
N ARG A 38 21.41 0.84 -0.07
CA ARG A 38 20.00 0.62 -0.43
C ARG A 38 19.54 1.30 -1.73
N LEU A 39 20.25 2.35 -2.09
CA LEU A 39 19.99 3.09 -3.32
C LEU A 39 20.29 2.16 -4.50
N GLU A 40 21.32 1.35 -4.37
CA GLU A 40 21.73 0.41 -5.42
C GLU A 40 20.75 -0.71 -5.55
N THR A 41 20.48 -1.35 -4.43
CA THR A 41 19.48 -2.42 -4.35
C THR A 41 18.17 -1.97 -4.94
N LEU A 42 17.73 -0.78 -4.51
CA LEU A 42 16.48 -0.27 -5.03
C LEU A 42 16.52 -0.29 -6.56
N ALA A 43 17.53 0.38 -7.14
CA ALA A 43 17.72 0.42 -8.59
C ALA A 43 17.71 -0.97 -9.26
N VAL A 44 18.33 -1.94 -8.64
CA VAL A 44 18.38 -3.25 -9.25
C VAL A 44 16.99 -3.83 -9.22
N GLN A 45 16.27 -3.48 -8.16
CA GLN A 45 14.90 -3.99 -8.06
C GLN A 45 13.99 -3.44 -9.16
N LEU A 46 14.08 -2.13 -9.40
CA LEU A 46 13.29 -1.53 -10.46
C LEU A 46 13.62 -2.15 -11.83
N ALA A 47 14.92 -2.35 -12.05
CA ALA A 47 15.36 -2.88 -13.32
C ALA A 47 14.73 -4.21 -13.67
N GLY A 48 14.34 -4.93 -12.66
CA GLY A 48 13.77 -6.22 -12.92
C GLY A 48 12.28 -6.18 -13.21
N MET A 49 11.67 -4.98 -13.02
CA MET A 49 10.23 -4.81 -13.28
C MET A 49 9.92 -4.65 -14.77
N PRO A 50 9.26 -5.69 -15.34
CA PRO A 50 8.98 -5.74 -16.76
C PRO A 50 8.39 -4.49 -17.40
N GLY A 51 7.42 -3.90 -16.71
CA GLY A 51 6.84 -2.67 -17.20
C GLY A 51 7.84 -1.49 -17.25
N LEU A 52 9.04 -1.67 -16.74
CA LEU A 52 10.00 -0.58 -16.73
C LEU A 52 10.95 -0.63 -17.91
N ASN A 53 10.83 -1.62 -18.77
CA ASN A 53 11.75 -1.56 -19.89
C ASN A 53 13.26 -1.72 -19.63
N GLY A 54 13.58 -2.72 -18.83
CA GLY A 54 14.93 -3.14 -18.52
C GLY A 54 15.82 -2.16 -17.84
N THR A 55 15.24 -1.10 -17.32
CA THR A 55 16.07 -0.12 -16.66
C THR A 55 15.32 0.61 -15.57
N PRO A 56 16.08 1.13 -14.59
CA PRO A 56 15.46 1.86 -13.52
C PRO A 56 14.96 3.20 -14.08
N GLN A 57 13.66 3.42 -14.05
CA GLN A 57 13.16 4.66 -14.57
C GLN A 57 11.80 4.97 -13.98
N VAL A 58 11.43 6.26 -14.04
CA VAL A 58 10.18 6.75 -13.51
C VAL A 58 9.52 7.69 -14.49
N GLY A 59 8.36 7.32 -15.01
CA GLY A 59 7.63 8.19 -15.93
C GLY A 59 6.70 9.02 -15.07
N GLU A 60 5.41 8.81 -15.28
CA GLU A 60 4.42 9.50 -14.46
C GLU A 60 4.22 8.73 -13.16
N LYS A 61 3.67 9.44 -12.20
CA LYS A 61 3.44 8.93 -10.86
C LYS A 61 2.04 9.20 -10.39
N ALA A 62 1.48 8.21 -9.71
CA ALA A 62 0.14 8.40 -9.18
C ALA A 62 -0.05 7.80 -7.79
N VAL A 63 -0.87 8.45 -6.97
CA VAL A 63 -1.23 7.92 -5.68
C VAL A 63 -2.72 7.63 -5.70
N LEU A 64 -3.10 6.36 -5.60
CA LEU A 64 -4.51 5.96 -5.54
C LEU A 64 -4.99 5.94 -4.10
N VAL A 65 -6.03 6.72 -3.82
CA VAL A 65 -6.56 6.74 -2.49
C VAL A 65 -7.94 6.09 -2.43
N MET A 66 -8.01 4.96 -1.69
CA MET A 66 -9.23 4.18 -1.54
C MET A 66 -9.97 4.63 -0.29
N CYS A 67 -11.18 5.11 -0.51
CA CYS A 67 -12.00 5.64 0.55
C CYS A 67 -13.22 4.79 0.82
N ALA A 68 -13.50 4.61 2.09
CA ALA A 68 -14.66 3.83 2.50
C ALA A 68 -14.88 3.91 3.99
N ASP A 69 -16.12 3.71 4.40
CA ASP A 69 -16.51 3.70 5.79
C ASP A 69 -16.64 2.25 6.33
N HIS A 70 -16.66 2.14 7.65
CA HIS A 70 -16.71 0.84 8.27
C HIS A 70 -17.81 0.73 9.31
N GLY A 71 -18.52 -0.39 9.26
CA GLY A 71 -19.58 -0.60 10.21
C GLY A 71 -19.06 -0.64 11.63
N VAL A 72 -17.82 -1.09 11.77
CA VAL A 72 -17.22 -1.21 13.09
C VAL A 72 -17.07 0.12 13.86
N TRP A 73 -17.26 1.22 13.14
CA TRP A 73 -17.14 2.51 13.78
C TRP A 73 -18.10 2.60 14.98
N ASP A 74 -19.24 1.92 14.88
CA ASP A 74 -20.22 1.96 15.96
C ASP A 74 -19.81 1.23 17.24
N GLU A 75 -18.68 0.53 17.21
CA GLU A 75 -18.18 -0.19 18.37
C GLU A 75 -17.37 0.76 19.27
N GLY A 76 -17.33 2.02 18.88
CA GLY A 76 -16.61 3.04 19.64
C GLY A 76 -15.09 2.93 19.57
N VAL A 77 -14.58 2.38 18.46
CA VAL A 77 -13.15 2.20 18.27
C VAL A 77 -12.47 3.42 17.69
N ALA A 78 -13.26 4.45 17.31
CA ALA A 78 -12.73 5.67 16.66
C ALA A 78 -13.30 7.00 17.16
N VAL A 79 -12.41 7.96 17.48
CA VAL A 79 -12.84 9.26 17.98
C VAL A 79 -13.16 10.27 16.89
N SER A 80 -12.69 9.98 15.70
CA SER A 80 -13.00 10.83 14.58
C SER A 80 -14.46 10.58 14.20
N PRO A 81 -15.19 11.65 13.92
CA PRO A 81 -16.57 11.54 13.50
C PRO A 81 -16.69 10.87 12.14
N LYS A 82 -17.65 9.96 12.01
CA LYS A 82 -17.85 9.22 10.79
C LYS A 82 -17.74 10.00 9.50
N ILE A 83 -18.38 11.15 9.44
CA ILE A 83 -18.44 12.03 8.27
C ILE A 83 -17.11 12.57 7.85
N VAL A 84 -16.11 12.43 8.70
CA VAL A 84 -14.80 12.89 8.30
C VAL A 84 -14.38 12.17 7.01
N THR A 85 -14.77 10.91 6.84
CA THR A 85 -14.40 10.22 5.60
C THR A 85 -14.87 10.99 4.38
N ALA A 86 -16.17 11.30 4.37
CA ALA A 86 -16.79 12.04 3.26
C ALA A 86 -16.21 13.45 3.12
N ILE A 87 -16.05 14.14 4.24
CA ILE A 87 -15.45 15.47 4.19
C ILE A 87 -14.07 15.46 3.51
N GLN A 88 -13.13 14.68 4.08
CA GLN A 88 -11.76 14.56 3.61
C GLN A 88 -11.71 14.12 2.16
N ALA A 89 -12.62 13.22 1.81
CA ALA A 89 -12.64 12.76 0.45
C ALA A 89 -12.83 13.91 -0.50
N ALA A 90 -13.75 14.81 -0.11
CA ALA A 90 -14.01 16.01 -0.90
C ALA A 90 -12.78 16.93 -0.91
N ASN A 91 -12.15 17.03 0.25
CA ASN A 91 -10.92 17.81 0.35
C ASN A 91 -9.86 17.27 -0.61
N MET A 92 -9.83 15.96 -0.75
CA MET A 92 -8.84 15.36 -1.64
C MET A 92 -8.96 15.98 -3.02
N THR A 93 -10.18 16.44 -3.33
CA THR A 93 -10.46 17.03 -4.62
C THR A 93 -9.94 18.46 -4.73
N ARG A 94 -9.80 19.14 -3.61
CA ARG A 94 -9.32 20.50 -3.64
C ARG A 94 -7.83 20.64 -3.44
N GLY A 95 -7.11 19.52 -3.31
CA GLY A 95 -5.66 19.55 -3.09
C GLY A 95 -5.21 20.10 -1.72
N THR A 96 -6.08 20.13 -0.70
CA THR A 96 -5.68 20.67 0.63
C THR A 96 -5.24 19.65 1.66
N THR A 97 -5.36 18.35 1.33
CA THR A 97 -5.00 17.28 2.24
C THR A 97 -3.49 17.07 2.29
N GLY A 98 -3.07 16.35 3.32
CA GLY A 98 -1.64 16.03 3.47
C GLY A 98 -1.13 15.24 2.27
N VAL A 99 -1.86 14.21 1.84
CA VAL A 99 -1.37 13.46 0.70
C VAL A 99 -1.28 14.32 -0.56
N CYS A 100 -2.24 15.22 -0.71
CA CYS A 100 -2.29 16.14 -1.84
C CYS A 100 -1.08 17.05 -1.88
N VAL A 101 -0.77 17.57 -0.70
CA VAL A 101 0.35 18.49 -0.54
C VAL A 101 1.68 17.81 -0.84
N LEU A 102 1.83 16.60 -0.33
CA LEU A 102 3.04 15.84 -0.54
C LEU A 102 3.14 15.30 -1.97
N ALA A 103 2.02 14.86 -2.56
CA ALA A 103 2.06 14.38 -3.92
C ALA A 103 2.51 15.48 -4.86
N ALA A 104 1.91 16.65 -4.71
CA ALA A 104 2.26 17.79 -5.54
C ALA A 104 3.74 18.10 -5.45
N GLN A 105 4.28 18.01 -4.24
CA GLN A 105 5.70 18.24 -4.00
C GLN A 105 6.53 17.26 -4.79
N ALA A 106 6.02 16.01 -4.91
CA ALA A 106 6.68 14.91 -5.65
C ALA A 106 6.31 14.86 -7.12
N GLY A 107 5.40 15.73 -7.53
CA GLY A 107 4.97 15.76 -8.91
C GLY A 107 4.11 14.56 -9.28
N ALA A 108 3.44 13.97 -8.29
CA ALA A 108 2.54 12.84 -8.55
C ALA A 108 1.08 13.30 -8.55
N LYS A 109 0.25 12.50 -9.21
CA LYS A 109 -1.15 12.79 -9.30
C LYS A 109 -1.95 11.89 -8.38
N VAL A 110 -2.81 12.52 -7.61
CA VAL A 110 -3.68 11.84 -6.70
C VAL A 110 -4.98 11.44 -7.32
N HIS A 111 -5.35 10.20 -7.13
CA HIS A 111 -6.61 9.62 -7.59
C HIS A 111 -7.41 9.15 -6.38
N VAL A 112 -8.53 9.83 -6.12
CA VAL A 112 -9.45 9.55 -5.04
C VAL A 112 -10.51 8.58 -5.53
N ILE A 113 -10.57 7.39 -4.94
CA ILE A 113 -11.54 6.41 -5.35
C ILE A 113 -12.51 6.10 -4.21
N ASP A 114 -13.79 6.18 -4.51
CA ASP A 114 -14.81 5.91 -3.55
C ASP A 114 -15.19 4.46 -3.73
N VAL A 115 -14.81 3.66 -2.73
CA VAL A 115 -15.15 2.24 -2.76
C VAL A 115 -16.24 1.86 -1.76
N GLY A 116 -16.71 2.84 -0.97
CA GLY A 116 -17.76 2.49 -0.01
C GLY A 116 -17.98 3.47 1.11
N ILE A 117 -18.03 4.75 0.72
CA ILE A 117 -18.25 5.81 1.66
C ILE A 117 -19.73 5.86 2.06
N ASP A 118 -20.00 6.07 3.35
CA ASP A 118 -21.37 6.13 3.80
C ASP A 118 -21.88 7.58 3.71
N ALA A 119 -22.14 8.03 2.48
CA ALA A 119 -22.56 9.37 2.19
C ALA A 119 -23.03 9.47 0.75
N GLU A 120 -23.53 10.62 0.35
CA GLU A 120 -23.93 10.80 -1.04
C GLU A 120 -22.66 10.75 -1.87
N PRO A 121 -22.78 10.53 -3.16
CA PRO A 121 -21.61 10.50 -4.01
C PRO A 121 -20.96 11.85 -4.10
N ILE A 122 -19.64 11.84 -4.13
CA ILE A 122 -18.85 13.07 -4.19
C ILE A 122 -18.40 13.33 -5.59
N PRO A 123 -18.84 14.45 -6.08
CA PRO A 123 -18.47 14.83 -7.41
C PRO A 123 -16.97 15.02 -7.44
N GLY A 124 -16.34 14.47 -8.47
CA GLY A 124 -14.90 14.58 -8.65
C GLY A 124 -14.17 13.35 -8.18
N VAL A 125 -14.90 12.52 -7.45
CA VAL A 125 -14.37 11.29 -6.89
C VAL A 125 -14.69 10.11 -7.78
N VAL A 126 -13.69 9.26 -8.07
CA VAL A 126 -13.94 8.09 -8.89
C VAL A 126 -14.88 7.18 -8.13
N ASN A 127 -15.97 6.81 -8.77
CA ASN A 127 -16.95 5.96 -8.11
C ASN A 127 -16.79 4.48 -8.40
N MET A 128 -16.49 3.72 -7.37
CA MET A 128 -16.41 2.27 -7.50
C MET A 128 -17.05 1.75 -6.23
N ARG A 129 -18.05 2.52 -5.78
CA ARG A 129 -18.73 2.26 -4.54
C ARG A 129 -19.40 0.91 -4.37
N VAL A 130 -18.94 0.15 -3.39
CA VAL A 130 -19.55 -1.17 -3.24
C VAL A 130 -20.83 -1.05 -2.52
N ALA A 131 -20.80 -0.21 -1.50
CA ALA A 131 -21.95 0.05 -0.68
C ALA A 131 -21.69 1.23 0.22
N ARG A 132 -22.71 1.56 1.04
CA ARG A 132 -22.59 2.67 1.98
C ARG A 132 -22.01 2.16 3.30
N GLY A 133 -20.68 1.99 3.29
CA GLY A 133 -19.95 1.44 4.41
C GLY A 133 -19.97 -0.10 4.36
N CYS A 134 -18.97 -0.78 4.96
CA CYS A 134 -18.94 -2.24 4.97
C CYS A 134 -19.62 -2.75 6.25
N GLY A 135 -19.89 -4.05 6.35
CA GLY A 135 -20.49 -4.59 7.55
C GLY A 135 -19.54 -4.46 8.78
N ASN A 136 -20.13 -4.39 9.96
CA ASN A 136 -19.43 -4.30 11.23
C ASN A 136 -18.82 -5.66 11.51
N ILE A 137 -17.51 -5.75 11.32
CA ILE A 137 -16.77 -7.00 11.49
C ILE A 137 -16.92 -7.60 12.87
N ALA A 138 -17.36 -6.78 13.82
CA ALA A 138 -17.53 -7.28 15.17
C ALA A 138 -18.59 -8.34 15.30
N VAL A 139 -19.65 -8.26 14.46
CA VAL A 139 -20.73 -9.22 14.56
C VAL A 139 -20.99 -10.03 13.31
N GLY A 140 -20.12 -9.83 12.34
CA GLY A 140 -20.23 -10.56 11.10
C GLY A 140 -19.17 -10.10 10.14
N PRO A 141 -19.26 -10.59 8.91
CA PRO A 141 -18.32 -10.23 7.86
C PRO A 141 -18.46 -8.80 7.39
N ALA A 142 -17.38 -8.28 6.86
CA ALA A 142 -17.46 -6.94 6.33
C ALA A 142 -18.25 -6.91 5.01
N MET A 143 -18.18 -8.02 4.29
CA MET A 143 -18.79 -8.13 2.99
C MET A 143 -18.78 -9.56 2.51
N SER A 144 -19.31 -9.76 1.28
CA SER A 144 -19.31 -11.08 0.67
C SER A 144 -18.02 -11.31 -0.11
N ARG A 145 -17.72 -12.58 -0.32
CA ARG A 145 -16.55 -13.00 -1.07
C ARG A 145 -16.62 -12.49 -2.49
N LEU A 146 -17.83 -12.60 -3.08
CA LEU A 146 -18.04 -12.15 -4.43
C LEU A 146 -17.80 -10.67 -4.50
N GLN A 147 -18.27 -9.97 -3.47
CA GLN A 147 -18.06 -8.53 -3.37
C GLN A 147 -16.60 -8.20 -3.31
N ALA A 148 -15.87 -9.00 -2.57
CA ALA A 148 -14.45 -8.74 -2.47
C ALA A 148 -13.74 -8.98 -3.80
N GLU A 149 -14.02 -10.12 -4.40
CA GLU A 149 -13.39 -10.47 -5.67
C GLU A 149 -13.64 -9.45 -6.79
N ALA A 150 -14.89 -9.06 -6.93
CA ALA A 150 -15.28 -8.10 -7.92
C ALA A 150 -14.52 -6.77 -7.78
N LEU A 151 -14.43 -6.28 -6.55
CA LEU A 151 -13.71 -5.04 -6.33
C LEU A 151 -12.21 -5.21 -6.68
N LEU A 152 -11.66 -6.36 -6.27
CA LEU A 152 -10.27 -6.65 -6.57
C LEU A 152 -10.02 -6.51 -8.07
N LEU A 153 -10.95 -7.07 -8.80
CA LEU A 153 -10.93 -7.07 -10.24
C LEU A 153 -10.99 -5.69 -10.83
N GLU A 154 -12.01 -4.98 -10.39
CA GLU A 154 -12.24 -3.66 -10.87
C GLU A 154 -11.12 -2.66 -10.59
N VAL A 155 -10.60 -2.67 -9.36
CA VAL A 155 -9.50 -1.77 -8.97
C VAL A 155 -8.20 -2.12 -9.70
N SER A 156 -7.97 -3.42 -9.85
CA SER A 156 -6.85 -4.02 -10.53
C SER A 156 -6.74 -3.46 -11.95
N ARG A 157 -7.88 -3.51 -12.63
CA ARG A 157 -7.99 -3.08 -14.00
C ARG A 157 -7.71 -1.60 -14.10
N TYR A 158 -8.46 -0.84 -13.29
CA TYR A 158 -8.32 0.59 -13.27
C TYR A 158 -6.83 0.94 -13.21
N THR A 159 -6.13 0.21 -12.35
CA THR A 159 -4.71 0.37 -12.07
C THR A 159 -3.78 0.21 -13.24
N CYS A 160 -3.93 -0.94 -13.92
CA CYS A 160 -3.10 -1.30 -15.07
C CYS A 160 -3.42 -0.39 -16.25
N ASP A 161 -4.67 0.05 -16.30
CA ASP A 161 -5.10 0.96 -17.34
C ASP A 161 -4.37 2.30 -17.27
N LEU A 162 -4.08 2.77 -16.04
CA LEU A 162 -3.33 4.00 -15.89
C LEU A 162 -1.94 3.81 -16.49
N ALA A 163 -1.44 2.58 -16.37
CA ALA A 163 -0.14 2.25 -16.91
C ALA A 163 -0.06 2.63 -18.39
N GLN A 164 -1.20 2.53 -19.03
CA GLN A 164 -1.33 2.84 -20.43
C GLN A 164 -1.20 4.31 -20.73
N ARG A 165 -1.46 5.13 -19.74
CA ARG A 165 -1.41 6.57 -19.91
C ARG A 165 -0.07 7.14 -19.41
N GLY A 166 0.92 6.27 -19.33
CA GLY A 166 2.25 6.68 -18.91
C GLY A 166 2.57 6.63 -17.42
N VAL A 167 1.71 6.02 -16.60
CA VAL A 167 2.07 5.93 -15.20
C VAL A 167 3.06 4.79 -15.02
N THR A 168 4.15 5.03 -14.27
CA THR A 168 5.16 3.98 -14.07
C THR A 168 5.42 3.67 -12.61
N LEU A 169 4.83 4.49 -11.75
CA LEU A 169 5.03 4.36 -10.31
C LEU A 169 3.76 4.71 -9.56
N PHE A 170 3.32 3.77 -8.77
CA PHE A 170 2.10 3.93 -8.00
C PHE A 170 2.47 4.03 -6.54
N GLY A 171 1.63 4.77 -5.87
CA GLY A 171 1.68 4.96 -4.43
C GLY A 171 0.26 4.58 -4.00
N VAL A 172 0.11 3.87 -2.88
CA VAL A 172 -1.21 3.43 -2.43
C VAL A 172 -1.62 4.08 -1.09
N GLY A 173 -2.90 4.37 -0.92
CA GLY A 173 -3.33 4.98 0.33
C GLY A 173 -4.80 4.74 0.61
N GLU A 174 -5.26 5.18 1.78
CA GLU A 174 -6.64 4.97 2.13
C GLU A 174 -7.20 6.12 2.95
N LEU A 175 -8.50 6.07 3.13
CA LEU A 175 -9.24 7.05 3.89
C LEU A 175 -10.52 6.37 4.37
N GLY A 176 -10.63 6.18 5.68
CA GLY A 176 -11.77 5.51 6.28
C GLY A 176 -11.67 5.53 7.79
N MET A 177 -12.55 6.33 8.41
CA MET A 177 -12.59 6.47 9.84
C MET A 177 -12.75 5.09 10.46
N ALA A 178 -11.95 4.79 11.47
CA ALA A 178 -11.99 3.50 12.17
C ALA A 178 -11.29 2.37 11.43
N ASN A 179 -10.52 2.69 10.40
CA ASN A 179 -9.89 1.64 9.64
C ASN A 179 -8.74 0.88 10.28
N THR A 180 -8.14 1.44 11.33
CA THR A 180 -7.04 0.75 11.99
C THR A 180 -7.50 -0.52 12.71
N THR A 181 -8.81 -0.60 12.98
CA THR A 181 -9.34 -1.78 13.62
C THR A 181 -9.27 -3.03 12.71
N PRO A 182 -9.93 -2.97 11.55
CA PRO A 182 -9.89 -4.10 10.61
C PRO A 182 -8.45 -4.42 10.21
N ALA A 183 -7.64 -3.36 10.11
CA ALA A 183 -6.23 -3.50 9.77
C ALA A 183 -5.54 -4.33 10.83
N ALA A 184 -5.77 -3.99 12.09
CA ALA A 184 -5.18 -4.78 13.13
C ALA A 184 -5.67 -6.24 13.05
N ALA A 185 -6.96 -6.46 12.86
CA ALA A 185 -7.45 -7.84 12.84
C ALA A 185 -6.76 -8.67 11.79
N MET A 186 -6.51 -8.05 10.61
CA MET A 186 -5.85 -8.73 9.50
C MET A 186 -4.45 -9.15 9.85
N VAL A 187 -3.75 -8.20 10.46
CA VAL A 187 -2.39 -8.42 10.87
C VAL A 187 -2.32 -9.58 11.85
N SER A 188 -3.17 -9.51 12.86
CA SER A 188 -3.24 -10.54 13.86
C SER A 188 -3.47 -11.89 13.21
N VAL A 189 -4.40 -11.94 12.29
CA VAL A 189 -4.71 -13.19 11.59
C VAL A 189 -3.60 -13.72 10.68
N PHE A 190 -3.07 -12.92 9.79
CA PHE A 190 -2.02 -13.41 8.92
C PHE A 190 -0.72 -13.74 9.67
N THR A 191 -0.52 -13.02 10.74
CA THR A 191 0.70 -13.08 11.51
C THR A 191 0.66 -14.03 12.68
N GLY A 192 -0.55 -14.35 13.09
CA GLY A 192 -0.71 -15.20 14.26
C GLY A 192 -0.29 -14.45 15.53
N SER A 193 -0.40 -13.13 15.49
CA SER A 193 -0.05 -12.33 16.65
C SER A 193 -1.30 -12.05 17.46
N ASP A 194 -1.18 -12.05 18.77
CA ASP A 194 -2.33 -11.73 19.57
C ASP A 194 -2.72 -10.29 19.30
N ALA A 195 -4.00 -10.01 19.47
CA ALA A 195 -4.54 -8.71 19.24
C ALA A 195 -3.85 -7.61 19.99
N LYS A 196 -3.65 -7.83 21.26
CA LYS A 196 -3.06 -6.78 22.05
C LYS A 196 -1.72 -6.36 21.47
N GLU A 197 -1.03 -7.31 20.89
CA GLU A 197 0.28 -7.04 20.34
C GLU A 197 0.28 -6.11 19.12
N VAL A 198 -0.82 -6.08 18.38
CA VAL A 198 -0.85 -5.27 17.17
C VAL A 198 -1.92 -4.21 17.15
N VAL A 199 -2.58 -3.93 18.27
CA VAL A 199 -3.59 -2.90 18.23
C VAL A 199 -3.05 -1.56 18.65
N GLY A 200 -3.18 -0.54 17.78
CA GLY A 200 -2.67 0.80 18.06
C GLY A 200 -3.69 1.88 18.43
N ILE A 201 -3.17 3.08 18.68
CA ILE A 201 -3.98 4.24 19.03
C ILE A 201 -4.74 4.84 17.85
N GLY A 202 -4.42 4.40 16.62
CA GLY A 202 -5.09 4.93 15.43
C GLY A 202 -5.03 6.47 15.44
N ALA A 203 -6.11 7.12 15.01
CA ALA A 203 -6.16 8.56 14.98
C ALA A 203 -6.38 9.07 16.39
N ASN A 204 -5.32 8.99 17.17
CA ASN A 204 -5.38 9.43 18.55
C ASN A 204 -6.48 8.85 19.41
N LEU A 205 -6.58 7.53 19.48
CA LEU A 205 -7.57 7.00 20.39
C LEU A 205 -7.04 7.18 21.82
N PRO A 206 -7.85 7.66 22.79
CA PRO A 206 -7.37 7.79 24.14
C PRO A 206 -6.97 6.43 24.73
N PRO A 207 -5.93 6.44 25.57
CA PRO A 207 -5.41 5.24 26.20
C PRO A 207 -6.46 4.37 26.92
N SER A 208 -7.45 5.03 27.51
CA SER A 208 -8.53 4.35 28.21
C SER A 208 -9.34 3.44 27.28
N ARG A 209 -9.62 3.97 26.10
CA ARG A 209 -10.41 3.30 25.09
C ARG A 209 -9.74 2.09 24.43
N ILE A 210 -8.45 1.91 24.62
CA ILE A 210 -7.80 0.78 23.99
C ILE A 210 -8.41 -0.60 24.28
N ASP A 211 -8.53 -0.93 25.54
CA ASP A 211 -9.01 -2.22 25.92
C ASP A 211 -10.21 -2.63 25.09
N ASN A 212 -11.12 -1.69 24.92
CA ASN A 212 -12.27 -2.02 24.13
C ASN A 212 -11.94 -2.38 22.67
N LYS A 213 -10.99 -1.63 22.08
CA LYS A 213 -10.58 -1.86 20.71
C LYS A 213 -10.07 -3.29 20.49
N VAL A 214 -9.34 -3.80 21.49
CA VAL A 214 -8.76 -5.12 21.46
C VAL A 214 -9.83 -6.18 21.52
N ASP A 215 -10.81 -5.94 22.39
CA ASP A 215 -11.93 -6.88 22.49
C ASP A 215 -12.65 -6.99 21.14
N VAL A 216 -12.89 -5.83 20.50
CA VAL A 216 -13.54 -5.79 19.18
C VAL A 216 -12.83 -6.69 18.19
N VAL A 217 -11.51 -6.47 18.06
CA VAL A 217 -10.66 -7.26 17.18
C VAL A 217 -10.84 -8.75 17.49
N ARG A 218 -10.63 -9.11 18.75
CA ARG A 218 -10.78 -10.50 19.08
C ARG A 218 -12.12 -11.05 18.67
N ARG A 219 -13.16 -10.26 18.95
CA ARG A 219 -14.49 -10.67 18.63
C ARG A 219 -14.63 -10.93 17.13
N ALA A 220 -14.14 -9.96 16.38
CA ALA A 220 -14.25 -10.04 14.94
C ALA A 220 -13.74 -11.37 14.46
N ILE A 221 -12.62 -11.72 15.02
CA ILE A 221 -11.96 -12.94 14.68
C ILE A 221 -12.71 -14.21 15.08
N ALA A 222 -13.07 -14.27 16.36
CA ALA A 222 -13.78 -15.43 16.91
C ALA A 222 -15.02 -15.73 16.09
N ILE A 223 -15.77 -14.66 15.85
CA ILE A 223 -17.01 -14.74 15.14
C ILE A 223 -16.92 -15.17 13.69
N ASN A 224 -15.98 -14.56 12.98
CA ASN A 224 -15.76 -14.78 11.57
C ASN A 224 -14.92 -15.97 11.23
N GLN A 225 -13.94 -16.26 12.07
CA GLN A 225 -13.12 -17.42 11.75
C GLN A 225 -12.48 -17.32 10.37
N PRO A 226 -11.85 -16.22 10.10
CA PRO A 226 -11.24 -16.08 8.80
C PRO A 226 -10.10 -17.08 8.66
N ASN A 227 -9.94 -17.58 7.45
CA ASN A 227 -8.88 -18.52 7.20
C ASN A 227 -7.62 -17.80 6.73
N PRO A 228 -6.57 -17.88 7.53
CA PRO A 228 -5.34 -17.19 7.25
C PRO A 228 -4.67 -17.59 5.96
N ARG A 229 -4.99 -18.76 5.50
CA ARG A 229 -4.37 -19.24 4.30
C ARG A 229 -5.12 -18.77 3.09
N ASP A 230 -6.21 -18.08 3.35
CA ASP A 230 -7.05 -17.56 2.29
C ASP A 230 -7.24 -16.06 2.41
N GLY A 231 -6.31 -15.28 1.83
CA GLY A 231 -6.30 -13.81 1.85
C GLY A 231 -7.63 -13.18 1.47
N ILE A 232 -8.26 -13.66 0.41
CA ILE A 232 -9.56 -13.10 0.05
C ILE A 232 -10.53 -13.36 1.20
N ASP A 233 -10.47 -14.58 1.74
CA ASP A 233 -11.35 -14.92 2.86
C ASP A 233 -11.17 -13.93 4.01
N VAL A 234 -9.91 -13.71 4.35
CA VAL A 234 -9.60 -12.80 5.42
C VAL A 234 -10.17 -11.41 5.15
N LEU A 235 -9.90 -10.91 3.93
CA LEU A 235 -10.32 -9.57 3.51
C LEU A 235 -11.81 -9.34 3.59
N SER A 236 -12.54 -10.33 3.10
CA SER A 236 -13.99 -10.24 3.05
C SER A 236 -14.66 -10.23 4.41
N LYS A 237 -14.05 -10.99 5.31
CA LYS A 237 -14.54 -11.19 6.65
C LYS A 237 -14.18 -10.09 7.62
N VAL A 238 -12.89 -9.91 7.86
CA VAL A 238 -12.51 -8.91 8.84
C VAL A 238 -11.76 -7.72 8.25
N GLY A 239 -11.83 -7.58 6.93
CA GLY A 239 -11.21 -6.50 6.22
C GLY A 239 -12.17 -5.32 5.98
N GLY A 240 -12.03 -4.70 4.80
CA GLY A 240 -12.85 -3.56 4.41
C GLY A 240 -12.73 -3.23 2.94
N PHE A 241 -13.68 -2.42 2.44
CA PHE A 241 -13.70 -2.01 1.04
C PHE A 241 -12.38 -1.35 0.66
N ASP A 242 -11.91 -0.50 1.56
CA ASP A 242 -10.65 0.20 1.35
C ASP A 242 -9.42 -0.72 1.39
N LEU A 243 -9.43 -1.70 2.29
CA LEU A 243 -8.35 -2.69 2.39
C LEU A 243 -8.28 -3.48 1.11
N VAL A 244 -9.49 -3.82 0.66
CA VAL A 244 -9.68 -4.57 -0.57
C VAL A 244 -9.12 -3.81 -1.76
N GLY A 245 -9.49 -2.52 -1.88
CA GLY A 245 -9.01 -1.67 -2.95
C GLY A 245 -7.46 -1.59 -3.01
N MET A 246 -6.85 -1.42 -1.83
CA MET A 246 -5.40 -1.33 -1.73
C MET A 246 -4.74 -2.61 -2.31
N THR A 247 -5.21 -3.74 -1.83
CA THR A 247 -4.75 -5.02 -2.34
C THR A 247 -4.88 -5.03 -3.88
N GLY A 248 -6.00 -4.48 -4.37
CA GLY A 248 -6.34 -4.38 -5.77
C GLY A 248 -5.28 -3.65 -6.57
N VAL A 249 -4.82 -2.53 -6.02
CA VAL A 249 -3.78 -1.75 -6.65
C VAL A 249 -2.51 -2.56 -6.84
N MET A 250 -2.21 -3.24 -5.76
CA MET A 250 -1.07 -4.11 -5.65
C MET A 250 -1.10 -5.20 -6.69
N LEU A 251 -2.27 -5.85 -6.84
CA LEU A 251 -2.38 -6.90 -7.82
C LEU A 251 -2.33 -6.29 -9.22
N GLY A 252 -2.94 -5.12 -9.37
CA GLY A 252 -2.97 -4.47 -10.68
C GLY A 252 -1.59 -4.07 -11.21
N ALA A 253 -0.80 -3.40 -10.35
CA ALA A 253 0.55 -2.96 -10.70
C ALA A 253 1.48 -4.13 -10.97
N ALA A 254 1.31 -5.18 -10.18
CA ALA A 254 2.12 -6.36 -10.32
C ALA A 254 1.87 -7.03 -11.66
N ARG A 255 0.59 -7.13 -12.00
CA ARG A 255 0.20 -7.70 -13.26
C ARG A 255 0.75 -6.86 -14.41
N CYS A 256 0.70 -5.54 -14.23
CA CYS A 256 1.22 -4.61 -15.21
C CYS A 256 2.72 -4.58 -15.19
N GLY A 257 3.33 -5.31 -14.25
CA GLY A 257 4.79 -5.33 -14.13
C GLY A 257 5.36 -4.02 -13.62
N LEU A 258 4.63 -3.36 -12.73
CA LEU A 258 5.17 -2.11 -12.22
C LEU A 258 5.25 -2.06 -10.69
N PRO A 259 6.03 -1.13 -10.20
CA PRO A 259 6.26 -0.93 -8.77
C PRO A 259 5.20 -0.11 -8.09
N VAL A 260 4.99 -0.47 -6.82
CA VAL A 260 4.05 0.17 -5.94
C VAL A 260 4.71 0.53 -4.64
N LEU A 261 4.51 1.76 -4.20
CA LEU A 261 5.06 2.17 -2.93
C LEU A 261 3.98 1.99 -1.87
N LEU A 262 4.31 1.27 -0.79
CA LEU A 262 3.38 1.12 0.30
C LEU A 262 3.32 2.42 1.09
N ASP A 263 2.40 2.47 2.04
CA ASP A 263 2.30 3.65 2.88
C ASP A 263 2.59 3.25 4.32
N GLY A 264 1.54 3.18 5.14
CA GLY A 264 1.66 2.81 6.52
C GLY A 264 1.05 1.46 6.86
N PHE A 265 0.67 1.34 8.12
CA PHE A 265 0.12 0.13 8.72
C PHE A 265 -1.09 -0.40 7.96
N LEU A 266 -1.97 0.48 7.54
CA LEU A 266 -3.10 -0.02 6.79
C LEU A 266 -2.61 -0.71 5.50
N SER A 267 -1.60 -0.10 4.89
CA SER A 267 -1.04 -0.61 3.66
C SER A 267 -0.28 -1.89 3.89
N TYR A 268 0.38 -1.99 5.05
CA TYR A 268 1.06 -3.21 5.31
C TYR A 268 0.01 -4.32 5.37
N SER A 269 -1.13 -3.99 5.99
CA SER A 269 -2.22 -4.95 6.11
C SER A 269 -2.63 -5.52 4.75
N ALA A 270 -2.86 -4.60 3.81
CA ALA A 270 -3.26 -4.97 2.46
C ALA A 270 -2.17 -5.72 1.78
N ALA A 271 -0.93 -5.38 2.14
CA ALA A 271 0.18 -6.03 1.51
C ALA A 271 0.25 -7.54 1.81
N LEU A 272 0.04 -7.83 3.09
CA LEU A 272 0.04 -9.20 3.60
C LEU A 272 -1.00 -10.03 2.87
N ALA A 273 -2.14 -9.41 2.73
CA ALA A 273 -3.24 -10.04 2.02
C ALA A 273 -2.84 -10.28 0.57
N ALA A 274 -2.29 -9.26 -0.08
CA ALA A 274 -1.86 -9.43 -1.46
C ALA A 274 -0.81 -10.56 -1.60
N CYS A 275 0.13 -10.59 -0.68
CA CYS A 275 1.18 -11.58 -0.75
C CYS A 275 0.68 -12.97 -0.49
N GLN A 276 -0.37 -13.03 0.34
CA GLN A 276 -0.99 -14.30 0.64
C GLN A 276 -1.74 -14.76 -0.58
N ILE A 277 -2.36 -13.81 -1.28
CA ILE A 277 -3.11 -14.15 -2.47
C ILE A 277 -2.21 -14.54 -3.65
N ALA A 278 -1.12 -13.80 -3.83
CA ALA A 278 -0.18 -14.01 -4.92
C ALA A 278 1.19 -13.51 -4.53
N PRO A 279 2.04 -14.45 -4.13
CA PRO A 279 3.39 -14.14 -3.70
C PRO A 279 4.14 -13.45 -4.79
N ALA A 280 3.70 -13.73 -6.04
CA ALA A 280 4.31 -13.13 -7.20
C ALA A 280 4.25 -11.60 -7.07
N VAL A 281 3.44 -11.14 -6.14
CA VAL A 281 3.30 -9.72 -5.98
C VAL A 281 4.49 -9.06 -5.30
N ARG A 282 5.06 -9.82 -4.39
CA ARG A 282 6.13 -9.35 -3.54
C ARG A 282 7.17 -8.45 -4.17
N PRO A 283 7.87 -8.97 -5.14
CA PRO A 283 8.94 -8.25 -5.78
C PRO A 283 8.54 -6.89 -6.37
N TYR A 284 7.26 -6.61 -6.48
CA TYR A 284 6.88 -5.31 -7.04
C TYR A 284 6.69 -4.25 -5.96
N LEU A 285 6.49 -4.72 -4.76
CA LEU A 285 6.25 -3.91 -3.59
C LEU A 285 7.47 -3.17 -3.08
N ILE A 286 7.28 -1.89 -2.67
CA ILE A 286 8.36 -1.07 -2.16
C ILE A 286 7.92 -0.30 -0.94
N PRO A 287 8.53 -0.61 0.20
CA PRO A 287 8.21 0.05 1.45
C PRO A 287 8.50 1.55 1.32
N SER A 288 7.81 2.36 2.14
CA SER A 288 8.05 3.79 2.16
C SER A 288 8.65 4.19 3.50
N HIS A 289 7.76 4.33 4.48
CA HIS A 289 8.19 4.72 5.81
C HIS A 289 7.80 3.69 6.85
N PHE A 290 8.26 3.99 8.05
CA PHE A 290 7.97 3.16 9.18
C PHE A 290 6.93 3.83 10.05
N SER A 291 5.69 3.36 9.91
CA SER A 291 4.52 3.86 10.62
C SER A 291 4.65 3.85 12.14
N ALA A 292 4.15 4.91 12.75
CA ALA A 292 4.16 4.98 14.20
C ALA A 292 3.13 4.07 14.91
N GLU A 293 2.28 3.39 14.13
CA GLU A 293 1.29 2.43 14.63
C GLU A 293 2.02 1.25 15.30
N LYS A 294 1.55 0.87 16.49
CA LYS A 294 2.08 -0.21 17.32
C LYS A 294 2.38 -1.52 16.60
N GLY A 295 1.45 -1.97 15.74
CA GLY A 295 1.59 -3.22 15.01
C GLY A 295 2.54 -3.13 13.83
N ALA A 296 3.17 -1.96 13.62
CA ALA A 296 4.07 -1.86 12.48
C ALA A 296 5.25 -2.88 12.41
N ARG A 297 6.06 -3.00 13.46
CA ARG A 297 7.20 -3.92 13.39
C ARG A 297 6.79 -5.34 13.07
N ILE A 298 5.72 -5.78 13.70
CA ILE A 298 5.27 -7.14 13.46
C ILE A 298 4.93 -7.32 12.01
N ALA A 299 4.14 -6.37 11.53
CA ALA A 299 3.70 -6.44 10.16
C ALA A 299 4.82 -6.42 9.14
N LEU A 300 5.80 -5.51 9.33
CA LEU A 300 6.92 -5.40 8.39
C LEU A 300 7.80 -6.64 8.42
N ALA A 301 7.89 -7.26 9.60
CA ALA A 301 8.69 -8.46 9.77
C ALA A 301 8.15 -9.59 8.92
N HIS A 302 6.82 -9.73 8.95
CA HIS A 302 6.19 -10.76 8.17
C HIS A 302 6.32 -10.47 6.70
N LEU A 303 6.38 -9.17 6.39
CA LEU A 303 6.55 -8.78 5.01
C LEU A 303 8.00 -8.88 4.64
N SER A 304 8.85 -8.96 5.66
CA SER A 304 10.28 -8.97 5.44
C SER A 304 10.74 -7.68 4.81
N MET A 305 10.19 -6.55 5.26
CA MET A 305 10.55 -5.26 4.67
C MET A 305 11.15 -4.29 5.66
N GLU A 306 12.03 -3.43 5.16
CA GLU A 306 12.67 -2.42 5.99
C GLU A 306 12.47 -1.03 5.38
N PRO A 307 11.56 -0.24 5.96
CA PRO A 307 11.33 1.07 5.39
C PRO A 307 12.57 1.94 5.30
N TYR A 308 12.54 2.84 4.30
CA TYR A 308 13.59 3.81 4.06
C TYR A 308 13.54 4.98 5.04
N LEU A 309 12.33 5.47 5.27
CA LEU A 309 12.00 6.62 6.10
C LEU A 309 11.51 6.30 7.49
N HIS A 310 12.05 7.05 8.46
CA HIS A 310 11.64 6.96 9.85
C HIS A 310 11.13 8.36 10.26
N MET A 311 9.83 8.65 10.02
CA MET A 311 9.28 9.98 10.30
C MET A 311 8.25 10.07 11.43
N ALA A 312 7.94 8.91 11.98
CA ALA A 312 6.96 8.73 13.03
C ALA A 312 5.59 9.18 12.58
N MET A 313 5.36 8.95 11.29
CA MET A 313 4.10 9.33 10.69
C MET A 313 3.02 8.26 10.90
N ARG A 314 1.80 8.74 10.98
CA ARG A 314 0.63 7.91 11.20
C ARG A 314 -0.62 8.62 10.70
N LEU A 315 -0.54 9.27 9.56
CA LEU A 315 -1.70 9.95 9.06
C LEU A 315 -2.46 9.09 8.04
N GLY A 316 -1.73 8.32 7.26
CA GLY A 316 -2.39 7.56 6.25
C GLY A 316 -2.46 8.38 4.98
N GLU A 317 -3.53 8.09 4.21
CA GLU A 317 -3.86 8.72 2.93
C GLU A 317 -2.87 8.43 1.82
N GLY A 318 -1.79 7.73 2.13
CA GLY A 318 -0.80 7.55 1.10
C GLY A 318 0.26 8.68 1.22
N SER A 319 0.26 9.41 2.34
CA SER A 319 1.22 10.51 2.58
C SER A 319 2.70 10.04 2.63
N GLY A 320 2.94 8.89 3.31
CA GLY A 320 4.27 8.32 3.40
C GLY A 320 4.73 7.91 1.98
N ALA A 321 3.80 7.31 1.21
CA ALA A 321 4.05 6.88 -0.18
C ALA A 321 4.59 8.02 -1.03
N ALA A 322 3.87 9.14 -0.98
CA ALA A 322 4.25 10.31 -1.73
C ALA A 322 5.62 10.79 -1.28
N LEU A 323 5.81 10.77 0.01
CA LEU A 323 7.05 11.20 0.57
C LEU A 323 8.23 10.37 0.07
N ALA A 324 8.01 9.09 -0.18
CA ALA A 324 9.13 8.25 -0.65
C ALA A 324 9.49 8.32 -2.15
N MET A 325 8.59 8.84 -2.97
CA MET A 325 8.81 8.93 -4.42
C MET A 325 10.15 9.50 -4.90
N PRO A 326 10.62 10.55 -4.25
CA PRO A 326 11.88 11.18 -4.63
C PRO A 326 13.05 10.22 -4.46
N ILE A 327 12.93 9.38 -3.46
CA ILE A 327 13.93 8.36 -3.21
C ILE A 327 14.02 7.47 -4.46
N VAL A 328 12.87 7.03 -4.98
CA VAL A 328 12.86 6.20 -6.18
C VAL A 328 13.53 6.93 -7.35
N GLU A 329 13.16 8.20 -7.52
CA GLU A 329 13.76 9.01 -8.56
C GLU A 329 15.28 9.11 -8.34
N ALA A 330 15.69 9.17 -7.07
CA ALA A 330 17.12 9.24 -6.72
C ALA A 330 17.90 8.09 -7.30
N ALA A 331 17.38 6.90 -7.07
CA ALA A 331 18.01 5.68 -7.51
C ALA A 331 18.18 5.66 -9.03
N CYS A 332 17.18 6.18 -9.72
CA CYS A 332 17.19 6.25 -11.16
C CYS A 332 18.26 7.22 -11.62
N ALA A 333 18.22 8.44 -11.07
CA ALA A 333 19.19 9.45 -11.39
C ALA A 333 20.59 8.90 -11.17
N MET A 334 20.74 8.21 -10.06
CA MET A 334 22.03 7.66 -9.74
C MET A 334 22.48 6.80 -10.91
N PHE A 335 21.63 5.81 -11.25
CA PHE A 335 21.89 4.86 -12.29
C PHE A 335 22.21 5.49 -13.62
N HIS A 336 21.46 6.52 -13.95
CA HIS A 336 21.64 7.11 -15.25
C HIS A 336 22.65 8.22 -15.38
N ASN A 337 22.72 9.06 -14.38
CA ASN A 337 23.57 10.20 -14.51
C ASN A 337 24.97 10.12 -13.90
N MET A 338 25.31 9.10 -13.13
CA MET A 338 26.67 9.11 -12.61
C MET A 338 27.70 8.74 -13.64
N GLY A 339 28.93 9.25 -13.42
CA GLY A 339 30.07 8.95 -14.28
C GLY A 339 30.67 7.57 -13.93
N GLU A 340 31.60 7.09 -14.76
CA GLU A 340 32.20 5.79 -14.58
C GLU A 340 33.66 5.81 -14.16
N LEU A 341 33.97 4.87 -13.29
CA LEU A 341 35.32 4.70 -12.76
C LEU A 341 36.36 4.63 -13.88
N ALA A 342 36.10 3.72 -14.80
CA ALA A 342 37.00 3.49 -15.90
C ALA A 342 37.28 4.76 -16.63
N ALA A 343 36.23 5.51 -16.80
CA ALA A 343 36.39 6.73 -17.52
C ALA A 343 37.31 7.71 -16.83
N SER A 344 37.50 7.52 -15.54
CA SER A 344 38.38 8.42 -14.83
C SER A 344 39.73 7.78 -14.57
N ASN A 345 39.89 6.57 -15.06
CA ASN A 345 41.13 5.86 -14.86
C ASN A 345 41.30 5.55 -13.40
N ILE A 346 40.19 5.23 -12.77
CA ILE A 346 40.27 4.91 -11.39
C ILE A 346 40.13 3.42 -11.16
N VAL A 347 41.10 2.87 -10.45
CA VAL A 347 41.04 1.47 -10.15
C VAL A 347 40.96 1.17 -8.68
N LEU A 348 39.89 0.46 -8.30
CA LEU A 348 39.71 0.03 -6.95
C LEU A 348 39.79 -1.49 -6.88
N PRO A 349 40.39 -1.99 -5.79
CA PRO A 349 40.56 -3.41 -5.56
C PRO A 349 39.21 -4.10 -5.37
#